data_1ITX
#
_entry.id   1ITX
#
_cell.length_a   43.0073
_cell.length_b   46.8388
_cell.length_c   55.7001
_cell.angle_alpha   109.2931
_cell.angle_beta   95.4547
_cell.angle_gamma   116.6796
#
_symmetry.space_group_name_H-M   'P 1'
#
loop_
_entity.id
_entity.type
_entity.pdbx_description
1 polymer 'Glycosyl Hydrolase'
2 non-polymer GLYCEROL
3 water water
#
_entity_poly.entity_id   1
_entity_poly.type   'polypeptide(L)'
_entity_poly.pdbx_seq_one_letter_code
;LQPATAEAADSYKIVGYYPSWAAYGRNYNVADIDPTKVTHINYAFADICWNGIHGNPDPSGPNPVTWTCQNEKSQTINVP
NGTIVLGDPWIDTGKTFAGDTWDQPIAGNINQLNKLKQTNPNLKTIISVGGWTWSNRFSDVAATAATREVFANSAVDFLR
KYNFDGVDLDWEYPVSGGLDGNSKRPEDKQNYTLLLSKIREKLDAAGAVDGKKYLLTIASGASATYAANTELAKIAAIVD
WINIMTYDFNGAWQKISAHNAPLNYDPAASAAGVPDANTFNVAAGAQGHLDAGVPAAKLVLGVPFYGRGWDGCAQAGNGQ
YQTCTGGSSVGTWEAGSFDFYDLEANYINKNGYTRYWNDTAKVPYLYNASNKRFISYDDAESVGYKTAYIKSKGLGGAMF
WELSGDRNKTLQNKLKADL
;
_entity_poly.pdbx_strand_id   A
#
# COMPACT_ATOMS: atom_id res chain seq x y z
N LEU A 1 -4.20 -18.00 -30.48
CA LEU A 1 -3.17 -18.55 -29.56
C LEU A 1 -3.57 -19.92 -29.05
N GLN A 2 -2.64 -20.86 -29.10
CA GLN A 2 -2.76 -22.13 -28.39
C GLN A 2 -2.95 -21.91 -26.88
N PRO A 3 -3.81 -22.73 -26.25
CA PRO A 3 -4.00 -22.63 -24.80
C PRO A 3 -2.69 -22.92 -24.10
N ALA A 4 -2.31 -22.01 -23.22
CA ALA A 4 -1.02 -22.00 -22.54
C ALA A 4 -0.90 -23.03 -21.43
N THR A 5 0.31 -23.51 -21.26
CA THR A 5 0.62 -24.52 -20.27
C THR A 5 0.52 -23.91 -18.91
N ALA A 6 -0.16 -24.62 -18.01
CA ALA A 6 -0.32 -24.17 -16.64
C ALA A 6 0.97 -24.40 -15.85
N GLU A 7 1.35 -23.41 -15.05
CA GLU A 7 2.50 -23.54 -14.17
C GLU A 7 2.17 -22.93 -12.82
N ALA A 8 2.80 -23.44 -11.76
CA ALA A 8 2.57 -22.94 -10.42
C ALA A 8 2.61 -21.41 -10.39
N ALA A 9 3.51 -20.83 -11.18
CA ALA A 9 3.68 -19.38 -11.21
C ALA A 9 2.45 -18.65 -11.73
N ASP A 10 1.70 -19.29 -12.61
CA ASP A 10 0.51 -18.68 -13.19
C ASP A 10 -0.34 -18.07 -12.08
N SER A 11 -0.07 -18.49 -10.84
CA SER A 11 -0.89 -18.11 -9.73
C SER A 11 -0.30 -17.05 -8.78
N TYR A 12 0.87 -16.43 -9.07
CA TYR A 12 1.32 -15.32 -8.19
C TYR A 12 0.39 -14.13 -8.32
N LYS A 13 0.14 -13.49 -7.20
CA LYS A 13 -0.58 -12.26 -7.15
C LYS A 13 0.38 -11.09 -7.33
N ILE A 14 -0.09 -10.04 -8.00
CA ILE A 14 0.60 -8.75 -8.07
C ILE A 14 -0.46 -7.71 -7.73
N VAL A 15 -0.34 -7.14 -6.53
CA VAL A 15 -1.37 -6.26 -5.97
C VAL A 15 -0.82 -4.84 -6.00
N GLY A 16 -1.34 -4.00 -6.88
CA GLY A 16 -0.87 -2.63 -7.01
C GLY A 16 -1.80 -1.66 -6.35
N TYR A 17 -1.25 -0.73 -5.57
CA TYR A 17 -2.06 0.34 -5.00
C TYR A 17 -2.22 1.50 -5.98
N TYR A 18 -3.43 2.01 -6.00
CA TYR A 18 -3.74 3.28 -6.68
C TYR A 18 -4.24 4.28 -5.62
N PRO A 19 -3.51 5.36 -5.33
CA PRO A 19 -3.98 6.36 -4.37
C PRO A 19 -4.92 7.35 -5.05
N SER A 20 -6.06 7.60 -4.45
CA SER A 20 -7.10 8.41 -5.08
C SER A 20 -6.59 9.77 -5.48
N TRP A 21 -5.67 10.30 -4.69
CA TRP A 21 -5.16 11.63 -4.90
C TRP A 21 -4.17 11.72 -6.07
N ALA A 22 -3.76 10.60 -6.63
CA ALA A 22 -2.93 10.64 -7.83
C ALA A 22 -3.63 11.39 -8.97
N ALA A 23 -4.96 11.41 -8.96
CA ALA A 23 -5.77 12.04 -10.00
C ALA A 23 -5.80 13.57 -9.90
N TYR A 24 -5.19 14.14 -8.86
CA TYR A 24 -5.04 15.59 -8.74
C TYR A 24 -3.71 15.96 -9.42
N GLY A 25 -2.87 16.74 -8.74
CA GLY A 25 -1.68 17.30 -9.36
C GLY A 25 -0.67 16.33 -9.93
N ARG A 26 -0.61 15.12 -9.38
CA ARG A 26 0.25 14.09 -9.91
C ARG A 26 -0.14 13.77 -11.33
N ASN A 27 -1.36 14.06 -11.74
CA ASN A 27 -1.82 13.81 -13.11
C ASN A 27 -1.59 12.36 -13.51
N TYR A 28 -1.92 11.43 -12.62
CA TYR A 28 -1.83 10.02 -12.95
C TYR A 28 -3.22 9.47 -12.65
N ASN A 29 -3.96 9.22 -13.71
CA ASN A 29 -5.34 8.80 -13.63
C ASN A 29 -5.48 7.29 -13.68
N VAL A 30 -6.63 6.81 -13.19
CA VAL A 30 -6.91 5.38 -13.27
C VAL A 30 -6.78 4.85 -14.69
N ALA A 31 -7.22 5.66 -15.66
CA ALA A 31 -7.17 5.22 -17.04
C ALA A 31 -5.74 5.11 -17.59
N ASP A 32 -4.75 5.64 -16.88
CA ASP A 32 -3.35 5.48 -17.22
C ASP A 32 -2.80 4.11 -16.79
N ILE A 33 -3.48 3.39 -15.91
CA ILE A 33 -3.00 2.09 -15.45
C ILE A 33 -3.05 1.08 -16.59
N ASP A 34 -2.01 0.27 -16.70
CA ASP A 34 -2.03 -0.87 -17.60
C ASP A 34 -2.43 -2.07 -16.75
C ASP A 34 -2.43 -2.06 -16.75
N PRO A 35 -3.67 -2.53 -16.88
N PRO A 35 -3.69 -2.45 -16.79
CA PRO A 35 -4.18 -3.61 -16.03
CA PRO A 35 -4.14 -3.51 -15.90
C PRO A 35 -3.46 -4.93 -16.24
C PRO A 35 -3.64 -4.90 -16.29
N THR A 36 -2.85 -5.09 -17.41
N THR A 36 -2.85 -5.05 -17.37
CA THR A 36 -2.12 -6.32 -17.68
CA THR A 36 -2.14 -6.31 -17.67
C THR A 36 -0.95 -6.52 -16.72
N LYS A 37 -0.56 -5.50 -15.99
CA LYS A 37 0.60 -5.62 -15.14
C LYS A 37 0.29 -6.14 -13.73
N VAL A 38 -0.99 -6.17 -13.35
CA VAL A 38 -1.38 -6.51 -11.99
C VAL A 38 -2.50 -7.54 -12.04
N THR A 39 -2.65 -8.26 -10.92
CA THR A 39 -3.81 -9.15 -10.74
C THR A 39 -4.91 -8.46 -9.96
N HIS A 40 -4.54 -7.54 -9.06
CA HIS A 40 -5.47 -6.84 -8.17
C HIS A 40 -5.01 -5.42 -8.06
N ILE A 41 -5.97 -4.50 -7.93
CA ILE A 41 -5.69 -3.12 -7.57
C ILE A 41 -6.38 -2.83 -6.25
N ASN A 42 -5.60 -2.33 -5.30
CA ASN A 42 -6.13 -1.80 -4.06
C ASN A 42 -6.32 -0.30 -4.23
N TYR A 43 -7.54 0.19 -4.05
CA TYR A 43 -7.84 1.62 -4.16
C TYR A 43 -7.71 2.24 -2.79
N ALA A 44 -6.81 3.21 -2.67
CA ALA A 44 -6.48 3.84 -1.39
C ALA A 44 -7.04 5.24 -1.38
N PHE A 45 -8.01 5.60 -0.52
CA PHE A 45 -8.58 4.81 0.54
C PHE A 45 -10.05 5.19 0.72
N ALA A 46 -10.78 4.31 1.37
CA ALA A 46 -12.03 4.66 2.04
C ALA A 46 -11.72 4.95 3.53
N ASP A 47 -12.66 5.64 4.19
CA ASP A 47 -12.49 6.09 5.56
C ASP A 47 -13.63 5.56 6.44
N ILE A 48 -13.63 5.96 7.71
CA ILE A 48 -14.61 5.50 8.67
C ILE A 48 -15.37 6.73 9.22
N CYS A 49 -16.68 6.70 9.19
CA CYS A 49 -17.46 7.78 9.71
C CYS A 49 -17.56 7.69 11.23
N TRP A 50 -17.45 8.84 11.88
CA TRP A 50 -17.68 8.94 13.31
C TRP A 50 -18.35 10.26 13.60
N ASN A 51 -19.53 10.21 14.19
CA ASN A 51 -20.33 11.40 14.47
C ASN A 51 -20.58 12.25 13.23
N GLY A 52 -20.78 11.58 12.10
CA GLY A 52 -21.16 12.27 10.88
C GLY A 52 -20.05 12.90 10.08
N ILE A 53 -18.82 12.78 10.56
CA ILE A 53 -17.66 13.31 9.85
C ILE A 53 -16.61 12.21 9.73
N HIS A 54 -15.58 12.46 8.95
CA HIS A 54 -14.51 11.51 8.81
C HIS A 54 -13.22 12.27 8.56
N GLY A 55 -12.12 11.61 8.85
CA GLY A 55 -10.79 12.10 8.62
C GLY A 55 -9.98 12.10 9.87
N ASN A 56 -8.89 12.85 9.88
CA ASN A 56 -7.96 12.84 10.98
C ASN A 56 -7.29 14.22 11.11
N PRO A 57 -7.62 15.00 12.14
CA PRO A 57 -7.01 16.32 12.34
C PRO A 57 -5.63 16.28 12.99
N ASP A 58 -5.07 15.12 13.24
CA ASP A 58 -3.76 15.06 13.90
C ASP A 58 -2.73 15.84 13.12
N PRO A 59 -2.15 16.89 13.70
CA PRO A 59 -1.24 17.75 12.93
C PRO A 59 0.11 17.15 12.63
N SER A 60 0.38 15.97 13.18
CA SER A 60 1.62 15.29 12.87
C SER A 60 1.50 14.46 11.60
N GLY A 61 0.30 14.37 11.06
CA GLY A 61 0.10 13.73 9.77
C GLY A 61 0.11 14.73 8.62
N PRO A 62 0.24 14.25 7.39
CA PRO A 62 0.30 15.12 6.21
C PRO A 62 -1.03 15.71 5.73
N ASN A 63 -2.18 15.27 6.23
CA ASN A 63 -3.47 15.78 5.75
C ASN A 63 -4.43 15.94 6.93
N PRO A 64 -4.17 16.94 7.77
CA PRO A 64 -4.94 17.12 9.02
C PRO A 64 -6.28 17.82 8.82
N VAL A 65 -7.20 17.12 8.18
CA VAL A 65 -8.47 17.70 7.72
C VAL A 65 -9.58 16.67 7.94
N THR A 66 -10.77 17.18 8.29
CA THR A 66 -11.96 16.35 8.34
C THR A 66 -13.03 16.90 7.41
N TRP A 67 -13.99 16.05 7.06
CA TRP A 67 -15.07 16.38 6.13
C TRP A 67 -16.32 15.67 6.61
N THR A 68 -17.50 16.12 6.16
CA THR A 68 -18.68 15.34 6.48
C THR A 68 -18.66 14.01 5.72
N CYS A 69 -19.33 13.03 6.29
CA CYS A 69 -19.55 11.75 5.60
C CYS A 69 -20.56 12.00 4.49
N GLN A 70 -20.25 11.51 3.30
CA GLN A 70 -21.01 11.85 2.12
C GLN A 70 -21.25 10.64 1.27
N ASN A 71 -22.26 10.75 0.40
CA ASN A 71 -22.53 9.76 -0.62
C ASN A 71 -21.76 10.11 -1.91
N GLU A 72 -22.04 9.34 -2.95
CA GLU A 72 -21.28 9.40 -4.18
C GLU A 72 -21.46 10.72 -4.94
N LYS A 73 -22.48 11.48 -4.55
CA LYS A 73 -22.76 12.80 -5.12
C LYS A 73 -22.24 13.92 -4.25
N SER A 74 -21.43 13.61 -3.24
CA SER A 74 -20.85 14.60 -2.36
C SER A 74 -21.91 15.28 -1.49
N GLN A 75 -22.99 14.57 -1.25
CA GLN A 75 -24.03 15.06 -0.34
C GLN A 75 -23.87 14.41 1.02
N THR A 76 -24.02 15.21 2.07
CA THR A 76 -23.86 14.72 3.41
C THR A 76 -24.91 13.66 3.74
N ILE A 77 -24.47 12.58 4.39
CA ILE A 77 -25.33 11.48 4.81
C ILE A 77 -25.19 11.26 6.33
N ASN A 78 -26.27 10.74 6.90
CA ASN A 78 -26.30 10.37 8.32
C ASN A 78 -26.20 8.86 8.42
N VAL A 79 -25.02 8.39 8.79
CA VAL A 79 -24.74 6.95 8.91
C VAL A 79 -24.20 6.66 10.30
N PRO A 80 -24.37 5.46 10.79
CA PRO A 80 -23.90 5.15 12.13
C PRO A 80 -22.41 5.12 12.24
N ASN A 81 -21.93 5.44 13.42
CA ASN A 81 -20.50 5.36 13.72
C ASN A 81 -19.95 4.01 13.33
N GLY A 82 -18.82 4.01 12.60
CA GLY A 82 -18.19 2.79 12.13
C GLY A 82 -18.46 2.47 10.68
N THR A 83 -19.32 3.24 10.01
CA THR A 83 -19.63 3.03 8.61
C THR A 83 -18.46 3.40 7.73
N ILE A 84 -18.11 2.51 6.80
CA ILE A 84 -17.12 2.84 5.79
C ILE A 84 -17.73 3.84 4.80
N VAL A 85 -17.02 4.93 4.56
CA VAL A 85 -17.47 5.99 3.68
C VAL A 85 -16.42 6.28 2.65
N LEU A 86 -16.87 6.82 1.52
CA LEU A 86 -15.95 7.34 0.52
C LEU A 86 -14.98 8.30 1.16
N GLY A 87 -13.70 8.12 0.86
CA GLY A 87 -12.69 9.00 1.39
C GLY A 87 -12.67 10.39 0.79
N ASP A 88 -12.99 10.47 -0.50
CA ASP A 88 -12.96 11.71 -1.26
C ASP A 88 -14.01 11.58 -2.35
N PRO A 89 -15.28 11.79 -2.02
CA PRO A 89 -16.35 11.56 -2.98
C PRO A 89 -16.10 12.17 -4.36
N TRP A 90 -15.69 13.42 -4.41
CA TRP A 90 -15.54 14.06 -5.71
C TRP A 90 -14.63 13.24 -6.64
N ILE A 91 -13.43 12.91 -6.18
CA ILE A 91 -12.53 12.18 -7.06
C ILE A 91 -12.89 10.71 -7.15
N ASP A 92 -13.46 10.16 -6.09
CA ASP A 92 -13.78 8.75 -6.06
C ASP A 92 -14.94 8.41 -7.02
N THR A 93 -15.99 9.24 -7.02
CA THR A 93 -17.22 8.91 -7.75
C THR A 93 -17.85 10.06 -8.51
N GLY A 94 -17.36 11.28 -8.31
CA GLY A 94 -18.02 12.43 -8.94
C GLY A 94 -17.47 12.91 -10.25
N LYS A 95 -16.15 13.01 -10.42
N LYS A 95 -16.21 13.33 -10.23
CA LYS A 95 -15.53 13.53 -11.66
CA LYS A 95 -15.57 13.88 -11.39
C LYS A 95 -15.74 12.62 -12.85
C LYS A 95 -15.83 12.95 -12.56
N THR A 96 -16.13 13.19 -13.99
N THR A 96 -16.25 13.52 -13.69
CA THR A 96 -16.31 12.35 -15.17
CA THR A 96 -16.43 12.72 -14.88
C THR A 96 -15.05 12.25 -16.01
C THR A 96 -15.09 12.51 -15.58
N PHE A 97 -14.96 11.12 -16.70
N PHE A 97 -14.87 11.25 -15.95
CA PHE A 97 -13.83 10.73 -17.51
CA PHE A 97 -13.64 10.80 -16.57
C PHE A 97 -14.36 10.18 -18.83
C PHE A 97 -13.93 10.15 -17.90
N ALA A 98 -13.45 9.96 -19.78
N ALA A 98 -12.95 9.44 -18.44
CA ALA A 98 -13.83 9.46 -21.10
CA ALA A 98 -13.03 8.89 -19.79
C ALA A 98 -14.64 8.20 -20.97
C ALA A 98 -14.28 8.08 -20.10
N GLY A 99 -15.80 8.16 -21.62
N GLY A 99 -15.05 8.58 -21.05
CA GLY A 99 -16.67 7.00 -21.60
CA GLY A 99 -16.21 7.88 -21.57
C GLY A 99 -17.88 7.16 -20.67
C GLY A 99 -17.50 7.99 -20.77
N ASP A 100 -17.78 8.09 -19.74
N ASP A 100 -17.47 8.72 -19.66
CA ASP A 100 -18.86 8.36 -18.83
CA ASP A 100 -18.63 8.81 -18.78
C ASP A 100 -19.93 9.13 -19.56
C ASP A 100 -19.79 9.51 -19.46
N THR A 101 -21.19 8.88 -19.23
N THR A 101 -20.99 8.96 -19.23
CA THR A 101 -22.23 9.79 -19.67
CA THR A 101 -22.26 9.54 -19.70
C THR A 101 -23.10 10.12 -18.48
C THR A 101 -23.05 10.07 -18.48
N TRP A 102 -24.06 11.00 -18.72
N TRP A 102 -24.03 10.94 -18.73
N TRP A 102 -24.10 10.92 -18.77
CA TRP A 102 -24.87 11.49 -17.64
CA TRP A 102 -24.86 11.50 -17.67
CA TRP A 102 -24.79 11.45 -17.61
C TRP A 102 -25.65 10.33 -17.01
C TRP A 102 -25.68 10.35 -17.03
C TRP A 102 -25.76 10.39 -17.06
N ASP A 103 -25.99 9.35 -17.86
CA ASP A 103 -26.84 8.21 -17.49
C ASP A 103 -26.14 7.04 -16.90
N GLN A 104 -25.40 7.30 -15.82
CA GLN A 104 -24.78 6.22 -15.07
C GLN A 104 -24.71 6.61 -13.59
N PRO A 105 -24.83 5.63 -12.70
CA PRO A 105 -24.86 5.88 -11.27
C PRO A 105 -23.65 6.53 -10.66
N ILE A 106 -22.46 6.14 -11.11
CA ILE A 106 -21.24 6.70 -10.54
C ILE A 106 -20.23 6.94 -11.60
N ALA A 107 -19.40 7.91 -11.34
CA ALA A 107 -18.28 8.24 -12.21
C ALA A 107 -16.99 8.16 -11.35
N GLY A 108 -16.09 9.13 -11.49
CA GLY A 108 -14.88 9.16 -10.71
C GLY A 108 -13.88 8.07 -10.97
N ASN A 109 -12.89 8.02 -10.09
CA ASN A 109 -11.87 7.01 -10.18
C ASN A 109 -12.47 5.59 -10.06
N ILE A 110 -13.46 5.42 -9.19
CA ILE A 110 -14.01 4.08 -8.96
C ILE A 110 -14.68 3.52 -10.22
N ASN A 111 -15.47 4.34 -10.91
CA ASN A 111 -16.04 3.84 -12.15
C ASN A 111 -14.93 3.52 -13.14
N GLN A 112 -13.83 4.29 -13.17
CA GLN A 112 -12.73 3.98 -14.05
C GLN A 112 -12.08 2.67 -13.68
N LEU A 113 -12.02 2.30 -12.41
CA LEU A 113 -11.50 0.98 -12.03
C LEU A 113 -12.37 -0.10 -12.61
N ASN A 114 -13.68 0.10 -12.56
CA ASN A 114 -14.57 -0.89 -13.12
C ASN A 114 -14.43 -0.95 -14.64
N LYS A 115 -14.13 0.16 -15.29
CA LYS A 115 -13.84 0.16 -16.73
C LYS A 115 -12.60 -0.67 -17.04
N LEU A 116 -11.59 -0.63 -16.20
CA LEU A 116 -10.40 -1.43 -16.45
C LEU A 116 -10.74 -2.90 -16.50
N LYS A 117 -11.75 -3.31 -15.75
CA LYS A 117 -12.18 -4.71 -15.72
C LYS A 117 -12.90 -5.09 -17.00
C LYS A 117 -12.83 -5.12 -17.08
N GLN A 118 -13.80 -4.20 -17.40
N GLN A 118 -12.77 -4.24 -18.13
CA GLN A 118 -14.55 -4.42 -18.62
CA GLN A 118 -13.16 -4.52 -19.53
C GLN A 118 -13.55 -4.69 -19.74
C GLN A 118 -11.92 -4.90 -20.34
N THR A 119 -12.48 -3.92 -19.80
N THR A 119 -10.75 -4.40 -19.94
CA THR A 119 -11.48 -4.06 -20.84
CA THR A 119 -9.49 -4.76 -20.61
C THR A 119 -10.48 -5.18 -20.56
C THR A 119 -8.87 -6.02 -20.01
N ASN A 120 -10.28 -5.47 -19.28
N ASN A 120 -8.69 -6.04 -18.68
CA ASN A 120 -9.35 -6.51 -18.83
CA ASN A 120 -8.22 -7.24 -17.96
C ASN A 120 -10.05 -7.38 -17.79
C ASN A 120 -9.45 -7.81 -17.23
N PRO A 121 -10.88 -8.29 -18.29
N PRO A 121 -10.13 -8.80 -17.82
CA PRO A 121 -11.76 -9.05 -17.40
CA PRO A 121 -11.41 -9.27 -17.27
C PRO A 121 -11.11 -9.94 -16.34
C PRO A 121 -11.25 -10.07 -15.96
N ASN A 122 -9.82 -10.19 -16.37
N ASN A 122 -10.04 -10.53 -15.73
CA ASN A 122 -9.23 -10.95 -15.28
CA ASN A 122 -9.68 -11.23 -14.50
C ASN A 122 -8.94 -10.13 -14.00
C ASN A 122 -9.22 -10.28 -13.38
N LEU A 123 -8.92 -8.79 -14.09
N LEU A 123 -9.03 -9.02 -13.76
CA LEU A 123 -8.58 -7.94 -12.94
CA LEU A 123 -8.58 -7.97 -12.86
C LEU A 123 -9.60 -7.93 -11.78
C LEU A 123 -9.61 -7.88 -11.77
N LYS A 124 -9.12 -7.86 -10.54
CA LYS A 124 -9.98 -7.70 -9.37
C LYS A 124 -9.65 -6.37 -8.69
N THR A 125 -10.64 -5.70 -8.12
CA THR A 125 -10.44 -4.45 -7.40
C THR A 125 -10.81 -4.64 -5.95
N ILE A 126 -10.06 -3.98 -5.08
CA ILE A 126 -10.22 -4.10 -3.63
C ILE A 126 -10.21 -2.70 -3.06
N ILE A 127 -11.13 -2.39 -2.16
CA ILE A 127 -11.12 -1.08 -1.50
C ILE A 127 -10.29 -1.20 -0.24
N SER A 128 -9.27 -0.34 -0.11
CA SER A 128 -8.47 -0.27 1.10
C SER A 128 -9.04 0.76 2.05
N VAL A 129 -9.25 0.38 3.30
CA VAL A 129 -9.74 1.27 4.33
C VAL A 129 -8.59 1.65 5.24
N GLY A 130 -8.40 2.93 5.51
CA GLY A 130 -7.45 3.37 6.50
C GLY A 130 -6.16 3.95 5.96
N GLY A 131 -5.05 3.27 6.25
CA GLY A 131 -3.74 3.76 5.93
C GLY A 131 -3.15 4.61 7.03
N TRP A 132 -2.02 5.24 6.75
CA TRP A 132 -1.31 5.99 7.78
C TRP A 132 -2.14 7.11 8.39
N THR A 133 -2.87 7.83 7.54
CA THR A 133 -3.63 9.02 7.96
C THR A 133 -5.02 8.72 8.50
N TRP A 134 -5.64 7.63 8.05
CA TRP A 134 -7.01 7.29 8.44
C TRP A 134 -7.12 6.01 9.23
N SER A 135 -6.18 5.82 10.15
CA SER A 135 -6.23 4.68 11.06
C SER A 135 -6.71 5.06 12.47
N ASN A 136 -7.11 6.31 12.63
CA ASN A 136 -7.44 6.86 13.93
C ASN A 136 -8.70 6.34 14.57
N ARG A 137 -9.60 5.70 13.83
CA ARG A 137 -10.86 5.18 14.38
C ARG A 137 -10.93 3.64 14.38
N PHE A 138 -9.93 2.92 13.83
CA PHE A 138 -10.03 1.45 13.83
C PHE A 138 -10.22 0.89 15.23
N SER A 139 -9.47 1.40 16.22
CA SER A 139 -9.56 0.85 17.55
C SER A 139 -10.99 1.00 18.10
N ASP A 140 -11.57 2.17 17.85
CA ASP A 140 -12.94 2.44 18.30
C ASP A 140 -13.93 1.53 17.60
N VAL A 141 -13.79 1.30 16.29
CA VAL A 141 -14.66 0.36 15.58
C VAL A 141 -14.51 -1.03 16.16
N ALA A 142 -13.27 -1.48 16.35
CA ALA A 142 -13.05 -2.89 16.72
C ALA A 142 -13.43 -3.18 18.17
N ALA A 143 -13.64 -2.11 18.96
CA ALA A 143 -13.77 -2.27 20.40
C ALA A 143 -15.05 -2.89 20.89
N THR A 144 -16.14 -2.80 20.11
CA THR A 144 -17.39 -3.40 20.58
C THR A 144 -18.11 -4.12 19.46
N ALA A 145 -18.99 -5.03 19.84
CA ALA A 145 -19.72 -5.83 18.87
C ALA A 145 -20.52 -4.96 17.94
N ALA A 146 -21.15 -3.91 18.45
CA ALA A 146 -22.04 -3.12 17.63
C ALA A 146 -21.32 -2.41 16.50
N THR A 147 -20.15 -1.82 16.80
CA THR A 147 -19.42 -1.14 15.72
C THR A 147 -18.72 -2.11 14.80
N ARG A 148 -18.31 -3.29 15.29
CA ARG A 148 -17.78 -4.30 14.38
C ARG A 148 -18.88 -4.71 13.40
N GLU A 149 -20.11 -4.84 13.86
CA GLU A 149 -21.22 -5.20 13.01
C GLU A 149 -21.50 -4.12 11.97
N VAL A 150 -21.56 -2.88 12.41
CA VAL A 150 -21.77 -1.77 11.48
C VAL A 150 -20.70 -1.75 10.41
N PHE A 151 -19.44 -1.86 10.82
CA PHE A 151 -18.35 -1.80 9.86
C PHE A 151 -18.45 -2.95 8.85
N ALA A 152 -18.66 -4.16 9.35
CA ALA A 152 -18.74 -5.34 8.49
C ALA A 152 -19.90 -5.24 7.50
N ASN A 153 -21.08 -4.86 7.97
CA ASN A 153 -22.19 -4.69 7.05
C ASN A 153 -21.90 -3.57 6.04
N SER A 154 -21.24 -2.50 6.47
CA SER A 154 -20.94 -1.40 5.57
C SER A 154 -19.90 -1.78 4.51
N ALA A 155 -19.05 -2.77 4.81
CA ALA A 155 -18.10 -3.25 3.82
C ALA A 155 -18.87 -3.97 2.71
N VAL A 156 -19.84 -4.79 3.08
CA VAL A 156 -20.71 -5.41 2.07
C VAL A 156 -21.42 -4.33 1.26
N ASP A 157 -21.99 -3.34 1.93
CA ASP A 157 -22.70 -2.29 1.24
C ASP A 157 -21.79 -1.61 0.18
N PHE A 158 -20.57 -1.27 0.58
CA PHE A 158 -19.63 -0.58 -0.29
C PHE A 158 -19.24 -1.46 -1.50
N LEU A 159 -18.89 -2.72 -1.22
CA LEU A 159 -18.52 -3.62 -2.30
C LEU A 159 -19.65 -3.78 -3.30
N ARG A 160 -20.87 -3.92 -2.79
CA ARG A 160 -22.03 -4.10 -3.64
C ARG A 160 -22.37 -2.86 -4.45
N LYS A 161 -22.30 -1.69 -3.84
CA LYS A 161 -22.64 -0.47 -4.53
C LYS A 161 -21.65 -0.13 -5.60
N TYR A 162 -20.36 -0.29 -5.31
CA TYR A 162 -19.29 0.20 -6.18
C TYR A 162 -18.59 -0.90 -6.97
N ASN A 163 -19.10 -2.13 -6.90
CA ASN A 163 -18.57 -3.27 -7.62
C ASN A 163 -17.10 -3.53 -7.30
N PHE A 164 -16.73 -3.47 -6.04
CA PHE A 164 -15.43 -3.98 -5.61
C PHE A 164 -15.51 -5.49 -5.41
N ASP A 165 -14.39 -6.14 -5.64
CA ASP A 165 -14.24 -7.58 -5.43
C ASP A 165 -13.81 -7.95 -4.03
N GLY A 166 -13.39 -6.98 -3.22
CA GLY A 166 -12.93 -7.27 -1.88
C GLY A 166 -12.69 -5.99 -1.10
N VAL A 167 -12.36 -6.19 0.16
CA VAL A 167 -12.04 -5.12 1.10
C VAL A 167 -10.72 -5.45 1.79
N ASP A 168 -9.93 -4.42 2.03
CA ASP A 168 -8.59 -4.51 2.61
C ASP A 168 -8.53 -3.54 3.77
N LEU A 169 -8.08 -4.01 4.93
CA LEU A 169 -7.95 -3.13 6.10
C LEU A 169 -6.49 -2.79 6.33
N ASP A 170 -6.17 -1.50 6.28
CA ASP A 170 -4.81 -1.03 6.49
C ASP A 170 -4.74 -0.30 7.83
N TRP A 171 -4.87 -1.06 8.91
CA TRP A 171 -4.85 -0.49 10.26
C TRP A 171 -3.41 -0.32 10.70
N GLU A 172 -2.99 0.93 10.79
CA GLU A 172 -1.63 1.32 11.12
C GLU A 172 -1.65 2.09 12.43
N TYR A 173 -1.64 1.42 13.59
CA TYR A 173 -1.50 -0.02 13.81
C TYR A 173 -2.23 -0.40 15.09
N PRO A 174 -2.64 -1.64 15.23
CA PRO A 174 -3.23 -2.08 16.50
C PRO A 174 -2.26 -1.91 17.66
N VAL A 175 -2.79 -1.48 18.81
CA VAL A 175 -2.13 -1.41 20.11
C VAL A 175 -1.14 -0.26 20.23
N SER A 176 -0.16 -0.17 19.35
CA SER A 176 0.88 0.84 19.43
C SER A 176 1.40 1.17 18.03
N GLY A 177 2.06 2.30 17.96
CA GLY A 177 2.57 2.80 16.71
C GLY A 177 1.51 3.61 15.98
N GLY A 178 1.84 4.02 14.77
CA GLY A 178 0.97 4.88 13.99
C GLY A 178 1.02 6.30 14.53
N LEU A 179 0.16 7.14 13.99
CA LEU A 179 0.07 8.52 14.47
C LEU A 179 -0.36 8.57 15.93
N ASP A 180 0.22 9.52 16.67
CA ASP A 180 -0.09 9.60 18.11
C ASP A 180 -1.55 9.81 18.44
N GLY A 181 -2.26 10.51 17.56
CA GLY A 181 -3.64 10.80 17.78
C GLY A 181 -4.59 9.65 17.48
N ASN A 182 -4.08 8.49 17.11
CA ASN A 182 -4.98 7.37 16.82
C ASN A 182 -5.57 6.81 18.09
N SER A 183 -6.83 6.42 18.03
CA SER A 183 -7.37 5.64 19.13
C SER A 183 -6.56 4.32 19.21
N LYS A 184 -6.28 3.84 20.42
CA LYS A 184 -5.50 2.64 20.65
C LYS A 184 -5.96 1.99 21.95
N ARG A 185 -5.92 0.67 22.01
CA ARG A 185 -6.24 -0.09 23.19
C ARG A 185 -5.39 -1.33 23.22
N PRO A 186 -5.02 -1.81 24.41
CA PRO A 186 -4.31 -3.09 24.47
C PRO A 186 -5.09 -4.20 23.76
N GLU A 187 -6.40 -4.18 23.94
CA GLU A 187 -7.26 -5.21 23.38
C GLU A 187 -7.41 -5.11 21.86
N ASP A 188 -6.84 -4.11 21.22
CA ASP A 188 -6.82 -4.10 19.77
C ASP A 188 -6.31 -5.43 19.22
N LYS A 189 -5.37 -6.07 19.92
CA LYS A 189 -4.80 -7.33 19.48
C LYS A 189 -5.93 -8.35 19.20
N GLN A 190 -6.78 -8.62 20.18
CA GLN A 190 -7.87 -9.58 19.98
C GLN A 190 -9.01 -8.99 19.16
N ASN A 191 -9.27 -7.71 19.35
CA ASN A 191 -10.40 -7.07 18.69
C ASN A 191 -10.25 -7.06 17.18
N TYR A 192 -9.03 -6.89 16.69
CA TYR A 192 -8.78 -6.87 15.25
C TYR A 192 -9.21 -8.21 14.66
N THR A 193 -8.83 -9.30 15.32
CA THR A 193 -9.19 -10.65 14.82
C THR A 193 -10.70 -10.79 14.72
N LEU A 194 -11.40 -10.35 15.75
CA LEU A 194 -12.86 -10.45 15.72
C LEU A 194 -13.49 -9.57 14.68
N LEU A 195 -12.94 -8.37 14.47
CA LEU A 195 -13.41 -7.50 13.40
C LEU A 195 -13.30 -8.23 12.07
N LEU A 196 -12.13 -8.82 11.79
CA LEU A 196 -11.92 -9.54 10.56
C LEU A 196 -12.88 -10.73 10.42
N SER A 197 -13.07 -11.48 11.49
CA SER A 197 -14.00 -12.61 11.46
C SER A 197 -15.41 -12.16 11.14
N LYS A 198 -15.84 -11.05 11.70
CA LYS A 198 -17.18 -10.56 11.45
C LYS A 198 -17.32 -10.09 10.00
N ILE A 199 -16.30 -9.41 9.48
CA ILE A 199 -16.32 -9.02 8.08
C ILE A 199 -16.41 -10.27 7.20
N ARG A 200 -15.62 -11.31 7.49
CA ARG A 200 -15.67 -12.52 6.70
C ARG A 200 -17.07 -13.12 6.75
N GLU A 201 -17.70 -13.15 7.92
CA GLU A 201 -19.07 -13.67 8.01
C GLU A 201 -20.00 -12.94 7.06
N LYS A 202 -19.93 -11.62 7.06
CA LYS A 202 -20.83 -10.86 6.21
C LYS A 202 -20.47 -11.02 4.73
N LEU A 203 -19.19 -11.09 4.39
CA LEU A 203 -18.79 -11.33 3.02
C LEU A 203 -19.20 -12.71 2.52
N ASP A 204 -19.15 -13.71 3.40
CA ASP A 204 -19.54 -15.05 3.02
C ASP A 204 -21.05 -15.07 2.68
N ALA A 205 -21.86 -14.43 3.50
CA ALA A 205 -23.30 -14.38 3.24
C ALA A 205 -23.56 -13.59 1.96
N ALA A 206 -22.92 -12.42 1.81
CA ALA A 206 -23.16 -11.61 0.62
C ALA A 206 -22.75 -12.35 -0.63
N GLY A 207 -21.63 -13.07 -0.60
CA GLY A 207 -21.21 -13.81 -1.75
C GLY A 207 -22.18 -14.93 -2.11
N ALA A 208 -22.72 -15.59 -1.09
CA ALA A 208 -23.75 -16.59 -1.33
C ALA A 208 -24.98 -15.99 -2.01
N VAL A 209 -25.34 -14.78 -1.65
CA VAL A 209 -26.48 -14.11 -2.27
C VAL A 209 -26.16 -13.66 -3.67
N ASP A 210 -24.96 -13.09 -3.87
CA ASP A 210 -24.64 -12.34 -5.07
C ASP A 210 -24.03 -13.20 -6.17
N GLY A 211 -23.66 -14.43 -5.84
CA GLY A 211 -23.07 -15.35 -6.77
C GLY A 211 -21.60 -15.12 -7.04
N LYS A 212 -20.83 -14.73 -6.03
CA LYS A 212 -19.41 -14.58 -6.18
C LYS A 212 -18.70 -14.70 -4.83
N LYS A 213 -17.38 -14.67 -4.95
N LYS A 213 -17.37 -14.80 -4.83
CA LYS A 213 -16.47 -14.69 -3.83
CA LYS A 213 -16.62 -14.92 -3.56
C LYS A 213 -16.02 -13.26 -3.60
C LYS A 213 -15.78 -13.59 -3.39
N TYR A 214 -16.15 -12.81 -2.37
N TYR A 214 -16.17 -12.81 -2.38
CA TYR A 214 -15.57 -11.53 -2.02
C TYR A 214 -14.28 -11.77 -1.24
N LEU A 215 -13.27 -10.94 -1.46
CA LEU A 215 -11.97 -11.06 -0.84
C LEU A 215 -11.86 -10.17 0.40
N LEU A 216 -11.05 -10.62 1.34
CA LEU A 216 -10.72 -9.88 2.53
C LEU A 216 -9.20 -9.96 2.73
N THR A 217 -8.54 -8.83 2.81
CA THR A 217 -7.11 -8.78 3.06
C THR A 217 -6.82 -7.71 4.12
N ILE A 218 -5.58 -7.70 4.61
CA ILE A 218 -5.07 -6.62 5.45
C ILE A 218 -3.68 -6.24 4.92
N ALA A 219 -3.24 -5.05 5.30
CA ALA A 219 -1.84 -4.67 5.20
C ALA A 219 -1.28 -4.73 6.62
N SER A 220 -0.19 -5.46 6.82
CA SER A 220 0.42 -5.63 8.12
C SER A 220 1.74 -4.87 8.25
N GLY A 221 2.07 -4.47 9.47
CA GLY A 221 3.41 -3.98 9.75
C GLY A 221 4.40 -5.12 9.74
N ALA A 222 5.67 -4.78 9.51
CA ALA A 222 6.74 -5.76 9.37
C ALA A 222 7.63 -5.88 10.60
N SER A 223 7.38 -5.11 11.63
CA SER A 223 8.19 -5.16 12.84
C SER A 223 7.78 -6.28 13.78
N ALA A 224 8.68 -6.65 14.67
CA ALA A 224 8.36 -7.62 15.69
C ALA A 224 7.27 -7.11 16.61
N THR A 225 7.20 -5.80 16.83
CA THR A 225 6.14 -5.23 17.66
C THR A 225 4.79 -5.47 17.02
N TYR A 226 4.67 -5.30 15.71
CA TYR A 226 3.39 -5.54 15.07
C TYR A 226 2.96 -6.98 15.30
N ALA A 227 3.88 -7.93 15.10
CA ALA A 227 3.57 -9.33 15.30
C ALA A 227 3.17 -9.64 16.73
N ALA A 228 3.80 -9.00 17.69
CA ALA A 228 3.43 -9.18 19.10
C ALA A 228 2.07 -8.59 19.42
N ASN A 229 1.64 -7.60 18.65
CA ASN A 229 0.40 -6.88 18.92
C ASN A 229 -0.78 -7.37 18.10
N THR A 230 -0.60 -8.44 17.34
CA THR A 230 -1.65 -8.99 16.51
C THR A 230 -1.62 -10.52 16.60
N GLU A 231 -2.72 -11.15 16.20
CA GLU A 231 -2.83 -12.60 16.21
C GLU A 231 -2.65 -13.11 14.78
N LEU A 232 -1.43 -13.07 14.28
CA LEU A 232 -1.20 -13.32 12.85
C LEU A 232 -1.71 -14.68 12.37
N ALA A 233 -1.52 -15.73 13.17
CA ALA A 233 -2.02 -17.03 12.77
C ALA A 233 -3.54 -17.03 12.66
N LYS A 234 -4.22 -16.41 13.61
CA LYS A 234 -5.67 -16.35 13.56
C LYS A 234 -6.16 -15.49 12.40
N ILE A 235 -5.48 -14.37 12.17
CA ILE A 235 -5.82 -13.49 11.04
C ILE A 235 -5.68 -14.28 9.75
N ALA A 236 -4.57 -14.99 9.61
CA ALA A 236 -4.31 -15.73 8.38
C ALA A 236 -5.41 -16.74 8.05
N ALA A 237 -5.95 -17.37 9.07
CA ALA A 237 -7.01 -18.33 8.86
C ALA A 237 -8.29 -17.67 8.29
N ILE A 238 -8.51 -16.41 8.63
CA ILE A 238 -9.69 -15.67 8.22
C ILE A 238 -9.54 -15.02 6.86
N VAL A 239 -8.43 -14.33 6.61
CA VAL A 239 -8.29 -13.51 5.43
C VAL A 239 -7.86 -14.34 4.23
N ASP A 240 -8.07 -13.79 3.04
CA ASP A 240 -7.55 -14.39 1.84
C ASP A 240 -6.02 -14.29 1.78
N TRP A 241 -5.45 -13.16 2.19
CA TRP A 241 -4.00 -13.00 2.33
C TRP A 241 -3.72 -11.72 3.10
N ILE A 242 -2.44 -11.62 3.48
CA ILE A 242 -1.87 -10.47 4.19
C ILE A 242 -0.83 -9.85 3.27
N ASN A 243 -0.96 -8.55 3.03
CA ASN A 243 0.07 -7.79 2.31
C ASN A 243 1.01 -7.20 3.37
N ILE A 244 2.22 -7.72 3.49
CA ILE A 244 3.13 -7.22 4.50
C ILE A 244 3.84 -5.99 3.99
N MET A 245 3.86 -4.94 4.81
CA MET A 245 4.48 -3.66 4.45
C MET A 245 5.99 -3.72 4.72
N THR A 246 6.69 -4.48 3.90
CA THR A 246 8.13 -4.65 3.99
C THR A 246 8.89 -3.47 3.32
N TYR A 247 8.66 -2.29 3.87
CA TYR A 247 9.27 -1.08 3.39
C TYR A 247 9.08 -0.04 4.49
N ASP A 248 9.53 1.18 4.25
CA ASP A 248 9.50 2.23 5.29
C ASP A 248 10.26 1.81 6.52
N PHE A 249 11.33 1.06 6.35
CA PHE A 249 12.11 0.64 7.51
C PHE A 249 12.97 1.78 8.05
N ASN A 250 13.33 2.72 7.20
CA ASN A 250 14.16 3.86 7.58
C ASN A 250 13.71 5.04 6.73
N GLY A 251 13.96 6.28 7.08
N GLY A 251 13.62 6.18 7.44
CA GLY A 251 13.56 7.34 6.18
CA GLY A 251 13.08 7.45 6.95
C GLY A 251 13.91 8.72 6.73
C GLY A 251 13.48 8.68 7.76
N ALA A 252 13.36 9.77 6.12
N ALA A 252 12.81 9.78 7.43
CA ALA A 252 13.75 11.14 6.42
CA ALA A 252 13.14 11.12 7.92
C ALA A 252 13.43 11.62 7.86
C ALA A 252 13.03 11.28 9.45
N TRP A 253 12.65 10.82 8.61
N TRP A 253 12.44 10.26 10.10
CA TRP A 253 12.32 11.09 10.01
CA TRP A 253 12.24 10.23 11.58
C TRP A 253 13.46 10.75 11.01
C TRP A 253 13.57 9.92 12.31
N GLN A 254 14.59 10.17 10.55
N GLN A 254 14.63 9.68 11.54
CA GLN A 254 15.71 9.77 11.43
CA GLN A 254 15.99 9.52 12.09
C GLN A 254 17.02 10.41 10.94
C GLN A 254 16.98 10.32 11.20
N LYS A 255 18.05 10.58 11.79
N LYS A 255 18.13 10.57 11.80
CA LYS A 255 19.26 11.26 11.25
C LYS A 255 20.25 10.34 10.58
N ILE A 256 20.28 9.05 10.94
CA ILE A 256 21.25 8.13 10.36
C ILE A 256 20.67 7.52 9.07
N SER A 257 21.36 7.75 7.97
CA SER A 257 20.85 7.21 6.72
C SER A 257 20.88 5.68 6.71
N ALA A 258 19.90 5.09 6.02
CA ALA A 258 19.78 3.66 5.95
C ALA A 258 18.78 3.35 4.85
N HIS A 259 18.32 2.10 4.76
CA HIS A 259 17.58 1.66 3.60
C HIS A 259 16.07 1.57 3.82
N ASN A 260 15.32 1.98 2.80
CA ASN A 260 13.87 1.90 2.86
C ASN A 260 13.40 0.45 2.96
N ALA A 261 14.03 -0.44 2.18
CA ALA A 261 13.60 -1.83 2.10
C ALA A 261 14.80 -2.77 1.88
N PRO A 262 15.76 -2.79 2.80
CA PRO A 262 16.87 -3.73 2.64
C PRO A 262 16.33 -5.16 2.74
N LEU A 263 16.77 -6.05 1.85
CA LEU A 263 16.23 -7.39 1.82
C LEU A 263 16.74 -8.21 3.00
N ASN A 264 18.05 -8.13 3.26
CA ASN A 264 18.70 -8.94 4.28
C ASN A 264 19.37 -8.04 5.32
N TYR A 265 19.68 -8.65 6.45
CA TYR A 265 20.43 -8.01 7.51
C TYR A 265 21.86 -7.70 7.08
N ASP A 266 22.28 -6.45 7.28
CA ASP A 266 23.66 -6.01 7.02
C ASP A 266 24.27 -5.68 8.36
N PRO A 267 25.29 -6.43 8.78
CA PRO A 267 25.95 -6.12 10.05
C PRO A 267 26.44 -4.69 10.16
N ALA A 268 26.79 -4.06 9.06
CA ALA A 268 27.27 -2.69 9.12
C ALA A 268 26.19 -1.74 9.66
N ALA A 269 24.91 -2.02 9.38
CA ALA A 269 23.83 -1.20 9.88
C ALA A 269 23.77 -1.22 11.39
N SER A 270 23.95 -2.40 11.98
CA SER A 270 24.02 -2.52 13.44
C SER A 270 25.24 -1.81 14.01
N ALA A 271 26.38 -1.90 13.36
CA ALA A 271 27.58 -1.24 13.85
C ALA A 271 27.39 0.26 13.82
N ALA A 272 26.55 0.75 12.90
CA ALA A 272 26.27 2.17 12.75
C ALA A 272 25.23 2.69 13.76
N GLY A 273 24.58 1.78 14.48
CA GLY A 273 23.52 2.19 15.38
C GLY A 273 22.20 2.51 14.68
N VAL A 274 21.99 1.97 13.49
CA VAL A 274 20.71 2.14 12.80
C VAL A 274 19.66 1.50 13.70
N PRO A 275 18.59 2.21 14.05
CA PRO A 275 17.62 1.66 15.00
C PRO A 275 16.99 0.36 14.48
N ASP A 276 16.97 -0.71 15.30
N ASP A 276 16.83 -0.59 15.37
CA ASP A 276 16.39 -2.05 14.99
CA ASP A 276 16.12 -1.77 15.00
C ASP A 276 16.96 -2.74 13.74
C ASP A 276 16.77 -2.41 13.79
N ALA A 277 18.23 -2.51 13.41
N ALA A 277 18.09 -2.20 13.60
CA ALA A 277 18.78 -3.07 12.16
CA ALA A 277 18.81 -2.82 12.49
C ALA A 277 18.63 -4.59 12.09
C ALA A 277 18.69 -4.36 12.39
N ASN A 278 18.74 -5.25 13.23
N ASN A 278 18.58 -5.10 13.48
CA ASN A 278 18.59 -6.69 13.31
CA ASN A 278 18.56 -6.58 13.36
C ASN A 278 17.32 -7.17 12.62
C ASN A 278 17.29 -7.20 12.73
N THR A 279 16.21 -6.47 12.86
CA THR A 279 14.92 -6.92 12.38
C THR A 279 14.27 -6.05 11.31
N PHE A 280 14.77 -4.84 11.06
CA PHE A 280 14.11 -3.96 10.12
C PHE A 280 14.63 -4.20 8.71
N ASN A 281 14.30 -5.37 8.18
CA ASN A 281 14.63 -5.74 6.84
C ASN A 281 13.52 -6.67 6.33
N VAL A 282 13.44 -6.82 5.03
CA VAL A 282 12.34 -7.50 4.40
C VAL A 282 12.27 -8.95 4.82
N ALA A 283 13.38 -9.66 4.78
CA ALA A 283 13.39 -11.06 5.10
C ALA A 283 12.99 -11.27 6.56
N ALA A 284 13.48 -10.46 7.49
CA ALA A 284 13.09 -10.62 8.87
C ALA A 284 11.58 -10.39 9.03
N GLY A 285 11.05 -9.38 8.36
CA GLY A 285 9.63 -9.12 8.48
C GLY A 285 8.80 -10.28 7.95
N ALA A 286 9.11 -10.76 6.76
CA ALA A 286 8.36 -11.87 6.17
C ALA A 286 8.53 -13.11 7.01
N GLN A 287 9.75 -13.40 7.47
CA GLN A 287 9.99 -14.58 8.27
C GLN A 287 9.19 -14.53 9.57
N GLY A 288 9.01 -13.36 10.15
CA GLY A 288 8.22 -13.23 11.36
C GLY A 288 6.79 -13.68 11.16
N HIS A 289 6.22 -13.39 9.98
CA HIS A 289 4.88 -13.87 9.65
C HIS A 289 4.91 -15.37 9.46
N LEU A 290 5.86 -15.91 8.70
CA LEU A 290 5.94 -17.37 8.56
C LEU A 290 6.09 -18.07 9.91
N ASP A 291 6.94 -17.53 10.78
CA ASP A 291 7.18 -18.10 12.10
C ASP A 291 5.93 -18.10 12.96
N ALA A 292 5.06 -17.10 12.77
CA ALA A 292 3.82 -17.00 13.50
C ALA A 292 2.77 -18.00 13.01
N GLY A 293 2.99 -18.62 11.85
CA GLY A 293 2.02 -19.53 11.32
C GLY A 293 1.22 -19.01 10.14
N VAL A 294 1.59 -17.89 9.53
CA VAL A 294 0.93 -17.45 8.31
C VAL A 294 1.39 -18.38 7.20
N PRO A 295 0.47 -19.02 6.48
CA PRO A 295 0.89 -19.84 5.34
C PRO A 295 1.59 -18.98 4.30
N ALA A 296 2.63 -19.50 3.69
CA ALA A 296 3.36 -18.74 2.71
C ALA A 296 2.47 -18.21 1.58
N ALA A 297 1.52 -19.01 1.14
CA ALA A 297 0.64 -18.60 0.06
C ALA A 297 -0.24 -17.41 0.45
N LYS A 298 -0.44 -17.19 1.74
CA LYS A 298 -1.21 -16.08 2.24
C LYS A 298 -0.36 -14.89 2.66
N LEU A 299 0.89 -14.87 2.26
CA LEU A 299 1.79 -13.77 2.51
C LEU A 299 2.21 -13.16 1.20
N VAL A 300 1.85 -11.90 0.98
CA VAL A 300 2.16 -11.18 -0.23
C VAL A 300 3.12 -10.07 0.16
N LEU A 301 4.28 -10.04 -0.50
CA LEU A 301 5.40 -9.22 -0.08
C LEU A 301 5.31 -7.80 -0.60
N GLY A 302 5.23 -6.80 0.28
CA GLY A 302 5.21 -5.43 -0.16
C GLY A 302 6.55 -4.95 -0.69
N VAL A 303 6.49 -4.17 -1.75
CA VAL A 303 7.65 -3.64 -2.45
C VAL A 303 7.40 -2.16 -2.70
N PRO A 304 8.36 -1.30 -2.41
CA PRO A 304 8.19 0.15 -2.61
C PRO A 304 8.65 0.60 -3.98
N PHE A 305 7.80 1.36 -4.68
CA PHE A 305 8.14 1.98 -5.97
C PHE A 305 8.53 3.45 -5.78
N TYR A 306 9.26 3.68 -4.71
CA TYR A 306 9.76 4.98 -4.31
C TYR A 306 10.97 4.74 -3.41
N GLY A 307 11.76 5.79 -3.20
CA GLY A 307 12.87 5.80 -2.26
C GLY A 307 12.72 6.91 -1.24
N ARG A 308 13.70 6.96 -0.34
CA ARG A 308 13.72 7.93 0.76
C ARG A 308 15.12 8.49 0.89
N GLY A 309 15.23 9.78 1.20
CA GLY A 309 16.51 10.43 1.25
C GLY A 309 16.77 11.28 2.48
N TRP A 310 18.04 11.62 2.59
CA TRP A 310 18.59 12.43 3.65
C TRP A 310 19.46 13.55 3.07
N ASP A 311 19.48 14.68 3.77
CA ASP A 311 20.34 15.83 3.43
C ASP A 311 21.61 15.76 4.35
N GLY A 312 22.72 16.29 3.84
CA GLY A 312 23.89 16.56 4.66
C GLY A 312 24.60 15.34 5.19
N CYS A 313 24.73 14.29 4.37
CA CYS A 313 25.43 13.07 4.76
C CYS A 313 26.91 13.12 4.40
N ALA A 314 27.80 12.68 5.33
CA ALA A 314 29.25 12.65 5.06
C ALA A 314 29.61 11.74 3.90
N GLN A 315 30.78 11.97 3.32
CA GLN A 315 31.22 11.20 2.18
C GLN A 315 31.56 9.78 2.58
N ALA A 316 31.83 9.54 3.87
CA ALA A 316 32.23 8.22 4.30
C ALA A 316 31.17 7.20 3.97
N GLY A 317 31.61 6.02 3.55
CA GLY A 317 30.65 4.98 3.20
C GLY A 317 29.74 5.40 2.05
N ASN A 318 30.15 6.38 1.26
CA ASN A 318 29.31 6.94 0.20
C ASN A 318 27.96 7.38 0.75
N GLY A 319 27.98 7.95 1.95
CA GLY A 319 26.78 8.47 2.57
C GLY A 319 25.94 7.48 3.34
N GLN A 320 26.27 6.20 3.22
CA GLN A 320 25.44 5.14 3.79
C GLN A 320 25.73 4.94 5.26
N TYR A 321 24.70 4.93 6.09
CA TYR A 321 24.80 4.71 7.52
C TYR A 321 25.54 5.84 8.21
N GLN A 322 25.48 7.02 7.64
CA GLN A 322 26.11 8.21 8.19
C GLN A 322 25.12 9.05 8.96
N THR A 323 25.61 9.80 9.96
N THR A 323 25.65 9.87 9.86
CA THR A 323 24.71 10.69 10.72
CA THR A 323 24.84 10.75 10.68
C THR A 323 24.57 12.01 9.93
C THR A 323 24.61 11.98 9.86
N CYS A 324 23.44 12.13 9.22
CA CYS A 324 23.13 13.24 8.31
C CYS A 324 22.46 14.39 9.05
N THR A 325 22.22 15.50 8.37
CA THR A 325 21.64 16.65 9.06
C THR A 325 20.15 16.45 9.29
N GLY A 326 19.49 15.70 8.40
CA GLY A 326 18.08 15.46 8.52
C GLY A 326 17.57 14.78 7.26
N GLY A 327 16.25 14.64 7.20
CA GLY A 327 15.62 14.09 6.02
C GLY A 327 15.82 14.99 4.84
N SER A 328 15.70 14.44 3.66
CA SER A 328 15.89 15.23 2.47
C SER A 328 14.85 16.35 2.37
N SER A 329 15.32 17.56 2.04
CA SER A 329 14.43 18.69 1.83
C SER A 329 13.80 18.68 0.45
N VAL A 330 14.30 17.82 -0.42
N VAL A 330 14.37 17.89 -0.49
CA VAL A 330 13.80 17.62 -1.76
CA VAL A 330 13.77 17.66 -1.82
C VAL A 330 13.02 16.30 -1.79
C VAL A 330 13.06 16.30 -1.85
N GLY A 331 12.10 16.22 -2.74
N GLY A 331 12.08 16.21 -2.73
CA GLY A 331 11.32 15.00 -2.95
C GLY A 331 10.43 15.19 -4.17
N THR A 332 9.86 14.14 -4.72
CA THR A 332 9.10 14.29 -5.94
C THR A 332 7.86 15.15 -5.74
N TRP A 333 7.09 14.78 -4.74
CA TRP A 333 5.82 15.44 -4.39
C TRP A 333 5.78 15.94 -2.96
N GLU A 334 6.62 15.38 -2.11
CA GLU A 334 6.74 15.77 -0.72
C GLU A 334 8.19 15.53 -0.34
N ALA A 335 8.69 16.38 0.54
CA ALA A 335 10.09 16.31 0.92
C ALA A 335 10.38 14.96 1.51
N GLY A 336 11.50 14.38 1.12
CA GLY A 336 12.00 13.18 1.75
C GLY A 336 11.79 11.90 1.00
N SER A 337 10.90 11.89 0.02
CA SER A 337 10.56 10.68 -0.73
C SER A 337 10.63 10.96 -2.21
N PHE A 338 11.01 9.93 -2.97
CA PHE A 338 11.27 10.07 -4.40
C PHE A 338 10.59 8.96 -5.16
N ASP A 339 9.66 9.27 -6.05
CA ASP A 339 9.03 8.24 -6.86
C ASP A 339 10.06 7.64 -7.82
N PHE A 340 9.94 6.36 -8.13
CA PHE A 340 10.93 5.73 -8.95
C PHE A 340 11.06 6.44 -10.32
N TYR A 341 9.94 6.84 -10.96
CA TYR A 341 10.07 7.43 -12.29
C TYR A 341 10.87 8.73 -12.21
N ASP A 342 10.77 9.46 -11.12
CA ASP A 342 11.53 10.68 -10.92
C ASP A 342 13.02 10.35 -10.78
N LEU A 343 13.32 9.30 -10.01
CA LEU A 343 14.69 8.82 -9.93
C LEU A 343 15.22 8.45 -11.32
N GLU A 344 14.43 7.72 -12.11
CA GLU A 344 14.88 7.33 -13.44
C GLU A 344 15.24 8.55 -14.29
N ALA A 345 14.41 9.57 -14.22
CA ALA A 345 14.60 10.72 -15.10
C ALA A 345 15.68 11.67 -14.63
N ASN A 346 15.83 11.82 -13.33
CA ASN A 346 16.58 12.93 -12.79
C ASN A 346 17.66 12.62 -11.81
N TYR A 347 17.78 11.37 -11.36
CA TYR A 347 18.75 11.07 -10.30
C TYR A 347 19.67 9.90 -10.52
N ILE A 348 19.24 8.79 -11.12
CA ILE A 348 20.07 7.62 -11.14
C ILE A 348 21.25 7.83 -12.09
N ASN A 349 22.45 8.02 -11.55
CA ASN A 349 23.64 8.33 -12.36
C ASN A 349 23.42 9.56 -13.21
N LYS A 350 22.77 10.54 -12.65
CA LYS A 350 22.46 11.81 -13.29
C LYS A 350 22.61 12.96 -12.31
N ASN A 351 22.90 14.14 -12.83
CA ASN A 351 22.87 15.34 -11.99
C ASN A 351 23.68 15.28 -10.70
N GLY A 352 24.79 14.59 -10.77
CA GLY A 352 25.73 14.48 -9.69
C GLY A 352 25.48 13.36 -8.71
N TYR A 353 24.39 12.59 -8.89
CA TYR A 353 24.10 11.45 -8.05
C TYR A 353 24.70 10.19 -8.63
N THR A 354 25.54 9.51 -7.87
CA THR A 354 26.17 8.28 -8.30
C THR A 354 25.51 7.11 -7.61
N ARG A 355 25.25 6.04 -8.36
CA ARG A 355 24.70 4.83 -7.80
C ARG A 355 25.77 3.96 -7.20
N TYR A 356 25.44 3.38 -6.06
CA TYR A 356 26.22 2.39 -5.37
C TYR A 356 25.30 1.20 -5.06
N TRP A 357 25.88 0.05 -4.76
CA TRP A 357 25.14 -1.19 -4.52
C TRP A 357 25.57 -1.79 -3.20
N ASN A 358 24.61 -2.09 -2.33
CA ASN A 358 24.91 -2.83 -1.10
C ASN A 358 24.60 -4.31 -1.37
N ASP A 359 25.65 -5.12 -1.51
CA ASP A 359 25.46 -6.51 -1.92
C ASP A 359 25.07 -7.43 -0.80
N THR A 360 25.06 -6.94 0.43
CA THR A 360 24.56 -7.72 1.56
C THR A 360 23.06 -7.49 1.68
N ALA A 361 22.66 -6.23 1.74
CA ALA A 361 21.25 -5.88 1.80
C ALA A 361 20.52 -6.03 0.47
N LYS A 362 21.26 -6.10 -0.64
CA LYS A 362 20.74 -6.27 -1.98
C LYS A 362 19.83 -5.12 -2.42
N VAL A 363 20.32 -3.91 -2.20
CA VAL A 363 19.62 -2.70 -2.62
C VAL A 363 20.61 -1.64 -3.08
N PRO A 364 20.17 -0.77 -3.99
CA PRO A 364 20.98 0.34 -4.45
C PRO A 364 20.77 1.59 -3.60
N TYR A 365 21.69 2.53 -3.76
CA TYR A 365 21.51 3.85 -3.17
C TYR A 365 22.27 4.86 -4.03
N LEU A 366 21.90 6.12 -3.89
CA LEU A 366 22.58 7.22 -4.59
C LEU A 366 23.23 8.12 -3.59
N TYR A 367 24.39 8.66 -3.97
CA TYR A 367 25.03 9.68 -3.17
C TYR A 367 25.52 10.77 -4.11
N ASN A 368 25.19 12.02 -3.81
CA ASN A 368 25.70 13.16 -4.57
C ASN A 368 26.82 13.78 -3.73
N ALA A 369 28.05 13.60 -4.17
CA ALA A 369 29.18 14.07 -3.39
C ALA A 369 29.23 15.58 -3.32
N SER A 370 28.72 16.26 -4.33
CA SER A 370 28.79 17.72 -4.33
C SER A 370 27.82 18.31 -3.33
N ASN A 371 26.60 17.78 -3.23
CA ASN A 371 25.58 18.35 -2.35
C ASN A 371 25.23 17.56 -1.07
N LYS A 372 25.83 16.39 -0.93
CA LYS A 372 25.74 15.55 0.26
C LYS A 372 24.43 14.80 0.46
N ARG A 373 23.55 14.78 -0.55
CA ARG A 373 22.32 14.03 -0.42
C ARG A 373 22.55 12.55 -0.68
N PHE A 374 21.90 11.74 0.16
CA PHE A 374 21.86 10.26 0.04
C PHE A 374 20.43 9.82 -0.20
N ILE A 375 20.22 8.92 -1.15
CA ILE A 375 18.89 8.39 -1.43
C ILE A 375 18.92 6.87 -1.45
N SER A 376 18.11 6.26 -0.58
CA SER A 376 17.85 4.82 -0.65
C SER A 376 16.67 4.58 -1.59
N TYR A 377 16.76 3.59 -2.47
CA TYR A 377 15.64 3.30 -3.34
C TYR A 377 15.69 1.84 -3.76
N ASP A 378 14.69 1.46 -4.54
CA ASP A 378 14.62 0.15 -5.17
C ASP A 378 14.56 0.30 -6.67
N ASP A 379 15.28 -0.59 -7.37
CA ASP A 379 15.34 -0.56 -8.81
C ASP A 379 15.02 -1.94 -9.37
N ALA A 380 15.18 -2.11 -10.68
CA ALA A 380 14.85 -3.42 -11.24
C ALA A 380 15.68 -4.52 -10.61
N GLU A 381 16.96 -4.26 -10.38
CA GLU A 381 17.84 -5.28 -9.81
C GLU A 381 17.40 -5.69 -8.41
N SER A 382 17.13 -4.70 -7.55
CA SER A 382 16.71 -5.02 -6.18
C SER A 382 15.33 -5.66 -6.15
N VAL A 383 14.44 -5.22 -7.02
CA VAL A 383 13.15 -5.88 -7.16
C VAL A 383 13.36 -7.35 -7.57
N GLY A 384 14.34 -7.63 -8.43
CA GLY A 384 14.67 -9.02 -8.79
C GLY A 384 15.08 -9.88 -7.64
N TYR A 385 15.81 -9.34 -6.66
CA TYR A 385 16.12 -10.10 -5.47
C TYR A 385 14.87 -10.34 -4.63
N LYS A 386 13.98 -9.33 -4.59
CA LYS A 386 12.73 -9.48 -3.84
C LYS A 386 11.80 -10.53 -4.48
N THR A 387 11.73 -10.56 -5.81
CA THR A 387 10.96 -11.65 -6.45
C THR A 387 11.66 -13.00 -6.28
N ALA A 388 12.97 -13.03 -6.28
CA ALA A 388 13.68 -14.28 -6.05
C ALA A 388 13.34 -14.81 -4.65
N TYR A 389 13.23 -13.91 -3.66
CA TYR A 389 12.85 -14.28 -2.30
C TYR A 389 11.41 -14.79 -2.29
N ILE A 390 10.50 -14.08 -2.93
CA ILE A 390 9.12 -14.56 -3.07
C ILE A 390 9.08 -15.98 -3.59
N LYS A 391 9.83 -16.26 -4.65
CA LYS A 391 9.78 -17.59 -5.28
C LYS A 391 10.44 -18.63 -4.39
N SER A 392 11.55 -18.29 -3.73
CA SER A 392 12.26 -19.23 -2.88
C SER A 392 11.45 -19.63 -1.68
N LYS A 393 10.69 -18.68 -1.12
N LYS A 393 10.67 -18.69 -1.14
CA LYS A 393 9.87 -18.92 0.05
CA LYS A 393 9.88 -18.93 0.05
C LYS A 393 8.46 -19.40 -0.27
C LYS A 393 8.44 -19.35 -0.27
N GLY A 394 8.09 -19.39 -1.55
CA GLY A 394 6.74 -19.78 -1.94
C GLY A 394 5.69 -18.80 -1.50
N LEU A 395 6.02 -17.52 -1.44
CA LEU A 395 5.03 -16.53 -1.04
C LEU A 395 3.95 -16.38 -2.09
N GLY A 396 2.86 -15.72 -1.72
CA GLY A 396 1.74 -15.57 -2.60
C GLY A 396 1.89 -14.63 -3.73
N GLY A 397 2.89 -13.75 -3.65
CA GLY A 397 3.15 -12.77 -4.68
C GLY A 397 3.72 -11.50 -4.07
N ALA A 398 3.53 -10.42 -4.83
CA ALA A 398 4.01 -9.09 -4.46
C ALA A 398 2.88 -8.10 -4.37
N MET A 399 3.05 -7.13 -3.49
CA MET A 399 2.20 -5.97 -3.41
C MET A 399 3.12 -4.77 -3.62
N PHE A 400 2.62 -3.69 -4.20
CA PHE A 400 3.46 -2.51 -4.31
C PHE A 400 2.69 -1.22 -4.05
N TRP A 401 3.43 -0.29 -3.47
CA TRP A 401 3.00 1.09 -3.29
C TRP A 401 3.96 1.95 -4.09
N GLU A 402 3.54 2.63 -5.16
CA GLU A 402 2.18 2.62 -5.72
C GLU A 402 2.30 2.88 -7.24
N LEU A 403 1.21 2.68 -7.95
CA LEU A 403 1.19 2.73 -9.41
C LEU A 403 1.74 4.03 -9.99
N SER A 404 1.41 5.18 -9.43
CA SER A 404 1.84 6.44 -10.00
C SER A 404 3.34 6.68 -9.88
N GLY A 405 3.99 6.00 -8.96
CA GLY A 405 5.42 6.18 -8.82
C GLY A 405 6.24 5.42 -9.82
N ASP A 406 5.64 4.49 -10.55
CA ASP A 406 6.32 3.65 -11.54
C ASP A 406 5.74 3.93 -12.93
C ASP A 406 5.68 3.81 -12.88
N ARG A 407 5.88 5.18 -13.39
N ARG A 407 5.28 5.04 -13.18
CA ARG A 407 5.20 5.69 -14.61
CA ARG A 407 4.60 5.28 -14.47
C ARG A 407 5.70 5.12 -15.89
C ARG A 407 5.33 4.81 -15.76
N ASN A 408 6.93 4.61 -15.87
N ASN A 408 6.69 4.69 -15.81
CA ASN A 408 7.46 4.03 -17.03
CA ASN A 408 7.42 4.05 -16.99
C ASN A 408 7.19 2.54 -17.05
N LYS A 409 6.56 2.03 -15.98
N LYS A 409 6.55 2.01 -15.98
CA LYS A 409 6.25 0.60 -15.83
CA LYS A 409 6.27 0.57 -15.82
C LYS A 409 7.53 -0.27 -15.67
C LYS A 409 7.53 -0.27 -15.66
N THR A 410 8.65 0.37 -15.34
CA THR A 410 9.89 -0.36 -15.22
C THR A 410 9.81 -1.42 -14.14
N LEU A 411 9.34 -1.05 -12.96
CA LEU A 411 9.30 -2.01 -11.87
C LEU A 411 8.14 -3.01 -12.01
N GLN A 412 6.99 -2.54 -12.51
CA GLN A 412 5.90 -3.44 -12.85
C GLN A 412 6.34 -4.51 -13.86
N ASN A 413 7.11 -4.10 -14.87
CA ASN A 413 7.57 -5.04 -15.88
C ASN A 413 8.47 -6.07 -15.26
N LYS A 414 9.28 -5.67 -14.28
CA LYS A 414 10.16 -6.60 -13.60
C LYS A 414 9.36 -7.62 -12.79
N LEU A 415 8.37 -7.16 -12.04
CA LEU A 415 7.50 -8.10 -11.31
C LEU A 415 6.84 -9.10 -12.25
N LYS A 416 6.33 -8.57 -13.36
N LYS A 416 6.31 -8.62 -13.35
CA LYS A 416 5.66 -9.41 -14.36
CA LYS A 416 5.60 -9.53 -14.25
C LYS A 416 6.58 -10.50 -14.91
C LYS A 416 6.54 -10.46 -15.02
N ALA A 417 7.79 -10.07 -15.22
CA ALA A 417 8.76 -10.94 -15.84
C ALA A 417 9.17 -12.04 -14.87
N ASP A 418 9.24 -11.71 -13.60
CA ASP A 418 9.77 -12.64 -12.61
C ASP A 418 8.73 -13.54 -11.98
N LEU A 419 7.47 -13.10 -11.93
CA LEU A 419 6.39 -13.80 -11.23
C LEU A 419 5.34 -14.30 -12.22
#